data_5WC2
#
_entry.id   5WC2
#
_cell.length_a   98.369
_cell.length_b   98.369
_cell.length_c   122.109
_cell.angle_alpha   90.00
_cell.angle_beta   90.00
_cell.angle_gamma   120.00
#
_symmetry.space_group_name_H-M   'P 65'
#
loop_
_entity.id
_entity.type
_entity.pdbx_description
1 polymer 'Pachytene checkpoint protein 2 homolog'
2 non-polymer "ADENOSINE-5'-DIPHOSPHATE"
3 water water
#
_entity_poly.entity_id   1
_entity_poly.type   'polypeptide(L)'
_entity_poly.pdbx_seq_one_letter_code
;MDEAVGDLKQALPCVAESPTVHVEVHQRGSSTAKKEDINLSVRKLLNRHNIVFGDYTWTEFDEPFLTRNVQSVSIIDTEL
KVKDSQPIDLSACTVALHIFQLNEDGPSSENLEEETENIIAANHWVLPAAEFHGLWDSLVYDVEVKSHLLDYVMTTLLFS
DKNVNSNLITWNRVVLLHGPPGTGKTSLCKALAQKLTIRLSSRYRYGQLIEINSHSLFSKWFSESGKLVTKMFQKIQDLI
DDKDALVFVLIDAVESLTAARNACRAGTEPSDAIRVVNAVLTQIDQIKRHSNVVILTTSNITEKIDVAFVDRADIKQYIG
PPSAAAIFKIYLSCLEELMKCQIIYPRQQLLTLRELEMIGFIENNVSKLSLLLNDISRKSEGLSGRVLRKLPFLAHALYV
QAPTVTIEGFLQALSLAVDKQFEERKKLAAYI
;
_entity_poly.pdbx_strand_id   A
#
loop_
_chem_comp.id
_chem_comp.type
_chem_comp.name
_chem_comp.formula
ADP non-polymer ADENOSINE-5'-DIPHOSPHATE 'C10 H15 N5 O10 P2'
#
# COMPACT_ATOMS: atom_id res chain seq x y z
N PRO A 19 -23.05 -12.44 2.25
CA PRO A 19 -22.02 -11.39 2.30
C PRO A 19 -20.67 -11.95 2.78
N THR A 20 -19.58 -11.45 2.21
CA THR A 20 -18.24 -11.98 2.47
C THR A 20 -17.46 -11.01 3.34
N VAL A 21 -16.81 -11.54 4.38
CA VAL A 21 -15.97 -10.78 5.27
C VAL A 21 -14.56 -11.36 5.21
N HIS A 22 -13.57 -10.49 5.04
CA HIS A 22 -12.19 -10.89 4.87
C HIS A 22 -11.43 -10.76 6.18
N VAL A 23 -10.61 -11.77 6.48
CA VAL A 23 -9.84 -11.82 7.71
C VAL A 23 -8.42 -12.22 7.36
N GLU A 24 -7.46 -11.33 7.61
CA GLU A 24 -6.06 -11.59 7.34
C GLU A 24 -5.38 -12.08 8.61
N VAL A 25 -4.75 -13.25 8.52
CA VAL A 25 -4.14 -13.91 9.67
C VAL A 25 -2.63 -13.92 9.42
N HIS A 26 -1.89 -13.21 10.26
CA HIS A 26 -0.44 -13.16 10.15
C HIS A 26 0.14 -14.28 11.00
N GLN A 27 0.55 -15.35 10.34
CA GLN A 27 1.21 -16.47 11.02
C GLN A 27 2.65 -16.11 11.32
N ARG A 28 3.10 -16.42 12.53
CA ARG A 28 4.48 -16.13 12.92
C ARG A 28 5.45 -16.81 11.98
N GLY A 29 6.61 -16.18 11.78
CA GLY A 29 7.65 -16.80 10.97
C GLY A 29 8.17 -18.08 11.58
N SER A 30 8.26 -18.14 12.90
CA SER A 30 8.77 -19.31 13.60
C SER A 30 7.75 -20.43 13.72
N SER A 31 6.51 -20.21 13.28
CA SER A 31 5.48 -21.24 13.41
C SER A 31 5.71 -22.37 12.41
N THR A 32 5.38 -23.59 12.84
CA THR A 32 5.48 -24.77 12.01
C THR A 32 4.14 -25.50 11.90
N ALA A 33 3.05 -24.88 12.35
CA ALA A 33 1.75 -25.52 12.33
C ALA A 33 1.16 -25.48 10.91
N LYS A 34 0.29 -26.46 10.63
CA LYS A 34 -0.44 -26.46 9.37
C LYS A 34 -1.45 -25.32 9.37
N LYS A 35 -1.68 -24.77 8.17
CA LYS A 35 -2.62 -23.66 8.05
C LYS A 35 -4.06 -24.10 8.29
N GLU A 36 -4.37 -25.38 8.12
CA GLU A 36 -5.71 -25.87 8.43
C GLU A 36 -5.96 -25.83 9.94
N ASP A 37 -4.94 -26.14 10.74
CA ASP A 37 -5.05 -25.97 12.18
C ASP A 37 -5.30 -24.51 12.55
N ILE A 38 -4.51 -23.61 11.96
CA ILE A 38 -4.70 -22.18 12.21
C ILE A 38 -6.07 -21.73 11.72
N ASN A 39 -6.52 -22.30 10.59
CA ASN A 39 -7.84 -21.95 10.07
C ASN A 39 -8.93 -22.27 11.08
N LEU A 40 -8.84 -23.43 11.74
CA LEU A 40 -9.89 -23.82 12.68
C LEU A 40 -9.78 -23.01 13.98
N SER A 41 -8.56 -22.74 14.44
CA SER A 41 -8.41 -21.96 15.66
C SER A 41 -8.99 -20.56 15.50
N VAL A 42 -8.65 -19.89 14.40
CA VAL A 42 -9.11 -18.53 14.19
C VAL A 42 -10.62 -18.48 14.09
N ARG A 43 -11.23 -19.50 13.47
CA ARG A 43 -12.69 -19.50 13.34
C ARG A 43 -13.38 -19.77 14.67
N LYS A 44 -12.71 -20.50 15.57
CA LYS A 44 -13.22 -20.60 16.94
C LYS A 44 -13.16 -19.24 17.64
N LEU A 45 -12.05 -18.52 17.47
CA LEU A 45 -11.92 -17.20 18.07
C LEU A 45 -13.03 -16.27 17.59
N LEU A 46 -13.41 -16.38 16.32
CA LEU A 46 -14.42 -15.49 15.76
C LEU A 46 -15.81 -15.85 16.25
N ASN A 47 -16.08 -17.13 16.51
CA ASN A 47 -17.34 -17.52 17.12
C ASN A 47 -17.43 -17.04 18.56
N ARG A 48 -16.29 -16.99 19.26
CA ARG A 48 -16.27 -16.41 20.61
C ARG A 48 -16.70 -14.95 20.57
N HIS A 49 -16.04 -14.14 19.74
CA HIS A 49 -16.35 -12.72 19.69
C HIS A 49 -17.53 -12.45 18.77
N ASN A 50 -17.53 -13.05 17.58
CA ASN A 50 -18.76 -13.24 16.82
C ASN A 50 -19.41 -11.94 16.39
N ILE A 51 -19.69 -11.05 17.34
CA ILE A 51 -20.24 -9.73 17.04
C ILE A 51 -19.07 -8.76 16.87
N VAL A 52 -19.02 -8.09 15.72
CA VAL A 52 -17.94 -7.16 15.41
C VAL A 52 -18.55 -5.80 15.10
N PHE A 53 -17.89 -4.74 15.56
CA PHE A 53 -18.33 -3.39 15.29
C PHE A 53 -17.76 -2.85 13.98
N GLY A 54 -16.53 -3.23 13.62
CA GLY A 54 -15.93 -2.79 12.38
C GLY A 54 -14.65 -3.56 12.09
N ASP A 55 -13.63 -2.87 11.57
CA ASP A 55 -12.33 -3.49 11.38
C ASP A 55 -11.62 -3.58 12.72
N TYR A 56 -11.40 -4.80 13.20
CA TYR A 56 -10.76 -5.05 14.48
C TYR A 56 -9.64 -6.06 14.30
N THR A 57 -8.59 -5.93 15.11
CA THR A 57 -7.43 -6.80 15.02
C THR A 57 -7.04 -7.27 16.40
N TRP A 58 -6.86 -8.58 16.55
CA TRP A 58 -6.33 -9.17 17.77
C TRP A 58 -4.84 -9.40 17.62
N THR A 59 -4.07 -8.94 18.62
CA THR A 59 -2.64 -9.26 18.69
C THR A 59 -2.29 -10.12 19.90
N GLU A 60 -3.17 -10.19 20.90
CA GLU A 60 -3.00 -11.04 22.06
C GLU A 60 -4.16 -12.02 22.14
N PHE A 61 -3.86 -13.27 22.48
CA PHE A 61 -4.85 -14.33 22.50
C PHE A 61 -4.76 -15.11 23.81
N ASP A 62 -5.88 -15.70 24.21
CA ASP A 62 -5.91 -16.57 25.38
C ASP A 62 -5.54 -18.00 25.02
N GLU A 63 -5.99 -18.49 23.86
CA GLU A 63 -5.65 -19.84 23.44
C GLU A 63 -4.15 -19.92 23.17
N PRO A 64 -3.41 -20.84 23.81
CA PRO A 64 -1.95 -20.85 23.63
C PRO A 64 -1.50 -21.31 22.25
N PHE A 65 -2.32 -22.06 21.53
CA PHE A 65 -1.96 -22.42 20.16
C PHE A 65 -1.91 -21.19 19.26
N LEU A 66 -2.80 -20.21 19.50
CA LEU A 66 -2.78 -18.98 18.72
C LEU A 66 -1.64 -18.07 19.15
N THR A 67 -1.43 -17.92 20.47
CA THR A 67 -0.30 -17.17 20.96
C THR A 67 1.00 -17.67 20.34
N ARG A 68 1.09 -18.98 20.09
CA ARG A 68 2.32 -19.57 19.60
C ARG A 68 2.54 -19.31 18.11
N ASN A 69 1.47 -19.39 17.31
CA ASN A 69 1.62 -19.45 15.86
C ASN A 69 1.07 -18.24 15.12
N VAL A 70 0.42 -17.30 15.81
CA VAL A 70 -0.27 -16.18 15.16
C VAL A 70 0.15 -14.88 15.81
N GLN A 71 0.62 -13.94 14.98
CA GLN A 71 0.95 -12.61 15.49
C GLN A 71 -0.28 -11.72 15.55
N SER A 72 -1.13 -11.75 14.52
CA SER A 72 -2.32 -10.90 14.50
C SER A 72 -3.41 -11.51 13.64
N VAL A 73 -4.65 -11.26 14.05
CA VAL A 73 -5.84 -11.59 13.28
C VAL A 73 -6.59 -10.29 13.06
N SER A 74 -6.71 -9.87 11.81
CA SER A 74 -7.28 -8.56 11.48
C SER A 74 -8.50 -8.75 10.59
N ILE A 75 -9.65 -8.29 11.06
CA ILE A 75 -10.85 -8.22 10.22
C ILE A 75 -10.78 -6.94 9.41
N ILE A 76 -10.92 -7.07 8.09
CA ILE A 76 -10.57 -6.01 7.15
C ILE A 76 -11.67 -5.85 6.12
N ASP A 77 -11.88 -4.61 5.69
CA ASP A 77 -12.87 -4.31 4.66
C ASP A 77 -12.26 -4.41 3.27
N LEU A 90 -22.10 -9.02 13.14
CA LEU A 90 -22.37 -10.43 13.46
C LEU A 90 -21.82 -11.31 12.34
N SER A 91 -20.97 -12.29 12.71
CA SER A 91 -20.28 -13.09 11.72
C SER A 91 -21.14 -14.26 11.26
N ALA A 92 -22.37 -13.97 10.85
CA ALA A 92 -23.18 -14.91 10.08
C ALA A 92 -22.98 -14.72 8.59
N CYS A 93 -21.96 -13.96 8.21
CA CYS A 93 -21.61 -13.74 6.82
C CYS A 93 -20.76 -14.91 6.34
N THR A 94 -20.17 -14.77 5.15
CA THR A 94 -19.17 -15.72 4.68
C THR A 94 -17.79 -15.19 5.09
N VAL A 95 -17.12 -15.93 5.96
CA VAL A 95 -15.84 -15.49 6.53
C VAL A 95 -14.71 -16.17 5.74
N ALA A 96 -13.92 -15.36 5.05
CA ALA A 96 -12.77 -15.84 4.30
C ALA A 96 -11.50 -15.50 5.07
N LEU A 97 -10.73 -16.52 5.41
CA LEU A 97 -9.44 -16.34 6.08
C LEU A 97 -8.31 -16.37 5.06
N HIS A 98 -7.34 -15.50 5.26
CA HIS A 98 -6.13 -15.45 4.43
C HIS A 98 -4.93 -15.54 5.35
N ILE A 99 -4.37 -16.75 5.46
CA ILE A 99 -3.27 -17.04 6.37
C ILE A 99 -1.97 -16.94 5.59
N PHE A 100 -1.04 -16.15 6.10
CA PHE A 100 0.20 -15.89 5.39
C PHE A 100 1.35 -15.76 6.37
N GLN A 101 2.54 -16.10 5.88
CA GLN A 101 3.79 -15.84 6.58
C GLN A 101 4.60 -14.83 5.78
N LEU A 102 5.22 -13.89 6.48
CA LEU A 102 6.08 -12.91 5.85
C LEU A 102 7.44 -13.53 5.56
N ASN A 103 7.96 -13.29 4.35
CA ASN A 103 9.32 -13.66 4.02
C ASN A 103 10.25 -12.55 4.52
N GLU A 104 11.22 -12.91 5.35
CA GLU A 104 12.03 -11.92 6.05
C GLU A 104 13.18 -11.38 5.22
N ASP A 105 13.60 -12.08 4.17
CA ASP A 105 14.65 -11.60 3.30
C ASP A 105 14.23 -11.68 1.83
N ILE A 119 20.23 -10.49 -9.12
CA ILE A 119 19.71 -9.80 -10.30
C ILE A 119 20.29 -8.39 -10.34
N ILE A 120 20.88 -8.03 -11.47
CA ILE A 120 21.67 -6.80 -11.58
C ILE A 120 20.78 -5.59 -11.37
N ALA A 121 20.13 -5.12 -12.43
CA ALA A 121 19.40 -3.86 -12.38
C ALA A 121 17.93 -4.06 -12.02
N ALA A 122 17.69 -4.85 -10.96
CA ALA A 122 16.32 -5.13 -10.54
C ALA A 122 16.33 -5.51 -9.06
N ASN A 123 15.34 -5.02 -8.33
CA ASN A 123 15.08 -5.48 -6.97
C ASN A 123 14.10 -6.64 -7.00
N HIS A 124 14.25 -7.55 -6.04
CA HIS A 124 13.47 -8.78 -6.02
C HIS A 124 13.01 -9.09 -4.59
N TRP A 125 11.70 -9.28 -4.42
CA TRP A 125 11.12 -9.69 -3.14
C TRP A 125 10.24 -10.91 -3.35
N VAL A 126 10.32 -11.85 -2.42
CA VAL A 126 9.33 -12.92 -2.32
C VAL A 126 8.15 -12.41 -1.50
N LEU A 127 6.94 -12.63 -2.00
CA LEU A 127 5.75 -12.09 -1.37
C LEU A 127 4.96 -13.17 -0.63
N PRO A 128 4.31 -12.84 0.49
CA PRO A 128 4.31 -11.53 1.16
C PRO A 128 5.66 -11.18 1.77
N ALA A 129 6.09 -9.94 1.60
CA ALA A 129 7.40 -9.51 2.07
C ALA A 129 7.26 -8.70 3.35
N ALA A 130 8.16 -8.96 4.31
CA ALA A 130 8.18 -8.18 5.53
C ALA A 130 8.36 -6.69 5.25
N GLU A 131 9.09 -6.35 4.19
CA GLU A 131 9.32 -4.94 3.88
C GLU A 131 8.01 -4.21 3.57
N PHE A 132 7.02 -4.90 3.02
CA PHE A 132 5.78 -4.27 2.61
C PHE A 132 4.66 -4.43 3.63
N HIS A 133 4.95 -5.02 4.79
CA HIS A 133 3.95 -5.17 5.83
C HIS A 133 3.52 -3.80 6.35
N GLY A 134 2.22 -3.53 6.31
CA GLY A 134 1.68 -2.26 6.73
C GLY A 134 1.71 -1.16 5.68
N LEU A 135 2.29 -1.40 4.51
CA LEU A 135 2.36 -0.36 3.47
C LEU A 135 0.97 0.02 2.97
N TRP A 136 0.13 -0.99 2.69
CA TRP A 136 -1.21 -0.74 2.19
C TRP A 136 -1.97 0.25 3.07
N ASP A 137 -1.98 0.02 4.38
CA ASP A 137 -2.72 0.90 5.28
C ASP A 137 -2.07 2.26 5.44
N SER A 138 -0.77 2.39 5.16
CA SER A 138 -0.11 3.68 5.26
C SER A 138 -0.47 4.61 4.10
N LEU A 139 -1.07 4.07 3.03
CA LEU A 139 -1.44 4.89 1.87
C LEU A 139 -2.90 5.30 2.02
N VAL A 140 -3.13 6.61 2.14
CA VAL A 140 -4.45 7.17 2.37
C VAL A 140 -4.89 7.85 1.07
N TYR A 141 -5.81 7.23 0.34
CA TYR A 141 -6.40 7.86 -0.83
C TYR A 141 -7.88 8.10 -0.59
N ASP A 142 -8.50 8.81 -1.52
CA ASP A 142 -9.93 9.03 -1.42
C ASP A 142 -10.66 7.70 -1.57
N VAL A 143 -11.91 7.69 -1.12
CA VAL A 143 -12.69 6.47 -0.98
C VAL A 143 -12.59 5.60 -2.24
N GLU A 144 -12.15 4.36 -2.06
CA GLU A 144 -12.23 3.27 -3.03
C GLU A 144 -11.25 3.40 -4.20
N VAL A 145 -10.23 4.25 -4.12
CA VAL A 145 -9.14 4.17 -5.07
C VAL A 145 -8.44 2.82 -4.96
N LYS A 146 -8.07 2.43 -3.73
CA LYS A 146 -7.39 1.17 -3.52
C LYS A 146 -8.35 -0.01 -3.68
N SER A 147 -9.60 0.14 -3.24
CA SER A 147 -10.58 -0.92 -3.39
C SER A 147 -10.79 -1.27 -4.86
N HIS A 148 -11.16 -0.29 -5.68
CA HIS A 148 -11.44 -0.55 -7.08
C HIS A 148 -10.20 -1.10 -7.78
N LEU A 149 -9.03 -0.55 -7.46
CA LEU A 149 -7.80 -1.05 -8.06
C LEU A 149 -7.61 -2.52 -7.75
N LEU A 150 -7.84 -2.92 -6.50
CA LEU A 150 -7.76 -4.32 -6.13
C LEU A 150 -8.79 -5.15 -6.88
N ASP A 151 -10.02 -4.65 -6.98
CA ASP A 151 -11.09 -5.38 -7.66
C ASP A 151 -10.79 -5.54 -9.15
N TYR A 152 -10.27 -4.49 -9.80
CA TYR A 152 -9.94 -4.58 -11.22
C TYR A 152 -8.94 -5.69 -11.47
N VAL A 153 -7.82 -5.69 -10.75
CA VAL A 153 -6.81 -6.72 -10.95
C VAL A 153 -7.35 -8.08 -10.54
N MET A 154 -8.23 -8.13 -9.54
CA MET A 154 -8.85 -9.40 -9.15
C MET A 154 -9.68 -9.97 -10.29
N THR A 155 -10.46 -9.11 -10.97
CA THR A 155 -11.26 -9.58 -12.10
C THR A 155 -10.37 -9.97 -13.28
N THR A 156 -9.32 -9.19 -13.54
CA THR A 156 -8.35 -9.56 -14.56
C THR A 156 -7.80 -10.95 -14.33
N LEU A 157 -7.35 -11.23 -13.10
CA LEU A 157 -6.80 -12.55 -12.80
C LEU A 157 -7.88 -13.63 -12.89
N LEU A 158 -9.11 -13.30 -12.47
CA LEU A 158 -10.20 -14.25 -12.66
C LEU A 158 -10.41 -14.55 -14.14
N PHE A 159 -10.52 -13.50 -14.96
CA PHE A 159 -10.72 -13.70 -16.39
C PHE A 159 -9.56 -14.48 -17.00
N SER A 160 -8.33 -14.15 -16.63
CA SER A 160 -7.18 -14.89 -17.13
C SER A 160 -7.26 -16.35 -16.72
N ASP A 161 -7.63 -16.60 -15.46
CA ASP A 161 -7.66 -17.97 -14.94
C ASP A 161 -8.70 -18.82 -15.66
N LYS A 162 -9.82 -18.24 -16.05
CA LYS A 162 -10.88 -18.97 -16.74
C LYS A 162 -10.75 -18.89 -18.27
N ASN A 163 -9.70 -18.26 -18.77
CA ASN A 163 -9.45 -18.17 -20.20
C ASN A 163 -10.58 -17.42 -20.91
N VAL A 164 -11.04 -16.32 -20.30
CA VAL A 164 -11.99 -15.45 -20.97
C VAL A 164 -11.34 -14.90 -22.24
N ASN A 165 -12.02 -15.07 -23.37
CA ASN A 165 -11.56 -14.55 -24.64
C ASN A 165 -11.49 -13.02 -24.59
N SER A 166 -10.28 -12.45 -24.67
CA SER A 166 -10.16 -11.01 -24.62
C SER A 166 -10.62 -10.34 -25.90
N ASN A 167 -10.85 -11.09 -26.98
CA ASN A 167 -11.50 -10.52 -28.16
C ASN A 167 -12.93 -10.10 -27.84
N LEU A 168 -13.56 -10.74 -26.85
CA LEU A 168 -14.96 -10.51 -26.53
C LEU A 168 -15.17 -9.67 -25.29
N ILE A 169 -14.29 -9.79 -24.30
CA ILE A 169 -14.33 -8.95 -23.10
C ILE A 169 -12.92 -8.42 -22.86
N THR A 170 -12.79 -7.11 -22.73
CA THR A 170 -11.47 -6.48 -22.75
C THR A 170 -10.76 -6.66 -21.41
N TRP A 171 -9.57 -7.23 -21.45
CA TRP A 171 -8.71 -7.31 -20.28
C TRP A 171 -7.31 -7.66 -20.75
N ASN A 172 -6.31 -7.24 -19.96
CA ASN A 172 -4.94 -7.66 -20.15
C ASN A 172 -4.23 -7.60 -18.81
N ARG A 173 -2.91 -7.83 -18.83
CA ARG A 173 -2.14 -8.03 -17.61
C ARG A 173 -1.28 -6.82 -17.24
N VAL A 174 -1.59 -5.64 -17.78
CA VAL A 174 -0.81 -4.43 -17.54
C VAL A 174 -1.64 -3.46 -16.72
N VAL A 175 -1.03 -2.91 -15.67
CA VAL A 175 -1.64 -1.93 -14.79
C VAL A 175 -0.78 -0.68 -14.82
N LEU A 176 -1.41 0.48 -15.00
CA LEU A 176 -0.70 1.77 -15.01
C LEU A 176 -1.28 2.66 -13.93
N LEU A 177 -0.41 3.09 -13.02
CA LEU A 177 -0.72 4.18 -12.08
C LEU A 177 0.02 5.41 -12.57
N HIS A 178 -0.73 6.49 -12.81
CA HIS A 178 -0.14 7.74 -13.27
C HIS A 178 -0.61 8.87 -12.38
N GLY A 179 0.26 9.83 -12.16
CA GLY A 179 0.07 10.84 -11.14
C GLY A 179 1.27 11.75 -11.08
N PRO A 180 1.16 12.87 -10.39
CA PRO A 180 2.35 13.68 -10.09
C PRO A 180 3.29 12.90 -9.18
N PRO A 181 4.56 13.23 -9.16
CA PRO A 181 5.50 12.50 -8.29
C PRO A 181 5.19 12.71 -6.82
N GLY A 182 5.44 11.66 -6.04
CA GLY A 182 5.26 11.72 -4.60
C GLY A 182 3.88 11.35 -4.10
N THR A 183 3.01 10.81 -4.96
CA THR A 183 1.66 10.46 -4.56
C THR A 183 1.52 9.00 -4.16
N GLY A 184 2.62 8.28 -3.98
CA GLY A 184 2.56 6.91 -3.50
C GLY A 184 2.39 5.85 -4.57
N LYS A 185 2.67 6.18 -5.84
CA LYS A 185 2.40 5.25 -6.93
C LYS A 185 3.22 3.99 -6.81
N THR A 186 4.54 4.13 -6.64
CA THR A 186 5.40 2.95 -6.50
C THR A 186 4.99 2.14 -5.28
N SER A 187 4.74 2.82 -4.16
CA SER A 187 4.34 2.13 -2.94
C SER A 187 3.03 1.37 -3.14
N LEU A 188 2.08 1.98 -3.85
CA LEU A 188 0.79 1.32 -4.04
C LEU A 188 0.90 0.10 -4.93
N CYS A 189 1.80 0.12 -5.92
CA CYS A 189 2.07 -1.08 -6.69
C CYS A 189 2.59 -2.19 -5.79
N LYS A 190 3.59 -1.89 -4.97
CA LYS A 190 4.12 -2.88 -4.05
C LYS A 190 3.05 -3.37 -3.08
N ALA A 191 2.29 -2.43 -2.50
CA ALA A 191 1.23 -2.81 -1.58
C ALA A 191 0.14 -3.60 -2.28
N LEU A 192 -0.18 -3.22 -3.52
CA LEU A 192 -1.18 -3.97 -4.29
C LEU A 192 -0.70 -5.41 -4.53
N ALA A 193 0.56 -5.57 -4.93
CA ALA A 193 1.11 -6.91 -5.14
C ALA A 193 1.04 -7.73 -3.86
N GLN A 194 1.32 -7.11 -2.72
CA GLN A 194 1.25 -7.82 -1.44
C GLN A 194 -0.19 -8.23 -1.13
N LYS A 195 -1.14 -7.31 -1.30
CA LYS A 195 -2.55 -7.61 -1.04
C LYS A 195 -3.03 -8.78 -1.89
N LEU A 196 -2.74 -8.74 -3.19
CA LEU A 196 -3.20 -9.77 -4.10
C LEU A 196 -2.64 -11.14 -3.71
N THR A 197 -1.33 -11.20 -3.48
CA THR A 197 -0.71 -12.46 -3.02
C THR A 197 -1.43 -13.01 -1.80
N ILE A 198 -1.74 -12.14 -0.84
CA ILE A 198 -2.42 -12.59 0.37
C ILE A 198 -3.85 -13.01 0.07
N ARG A 199 -4.57 -12.22 -0.74
CA ARG A 199 -5.97 -12.53 -1.02
C ARG A 199 -6.14 -13.74 -1.92
N LEU A 200 -5.14 -14.04 -2.75
CA LEU A 200 -5.19 -15.18 -3.65
C LEU A 200 -4.34 -16.36 -3.15
N SER A 201 -4.20 -16.49 -1.83
CA SER A 201 -3.41 -17.58 -1.27
C SER A 201 -4.02 -18.95 -1.55
N SER A 202 -5.29 -19.01 -1.94
CA SER A 202 -5.91 -20.29 -2.28
C SER A 202 -5.52 -20.76 -3.67
N ARG A 203 -5.22 -19.83 -4.58
CA ARG A 203 -4.84 -20.17 -5.94
C ARG A 203 -3.32 -20.16 -6.15
N TYR A 204 -2.59 -19.35 -5.39
CA TYR A 204 -1.14 -19.27 -5.49
C TYR A 204 -0.55 -19.47 -4.10
N ARG A 205 0.60 -20.13 -4.04
CA ARG A 205 1.24 -20.42 -2.76
C ARG A 205 2.12 -19.26 -2.30
N TYR A 206 2.62 -18.44 -3.22
CA TYR A 206 3.43 -17.28 -2.86
C TYR A 206 3.47 -16.35 -4.06
N GLY A 207 4.06 -15.17 -3.84
CA GLY A 207 4.17 -14.16 -4.87
C GLY A 207 5.61 -13.75 -5.10
N GLN A 208 5.83 -13.04 -6.20
CA GLN A 208 7.12 -12.48 -6.54
C GLN A 208 6.94 -11.06 -7.06
N LEU A 209 7.84 -10.17 -6.67
CA LEU A 209 7.85 -8.80 -7.18
C LEU A 209 9.24 -8.51 -7.69
N ILE A 210 9.34 -8.11 -8.96
CA ILE A 210 10.59 -7.68 -9.57
C ILE A 210 10.43 -6.21 -9.93
N GLU A 211 11.22 -5.35 -9.29
CA GLU A 211 11.21 -3.92 -9.59
C GLU A 211 12.42 -3.60 -10.45
N ILE A 212 12.17 -3.24 -11.70
CA ILE A 212 13.23 -2.84 -12.63
C ILE A 212 13.48 -1.34 -12.46
N ASN A 213 14.74 -0.99 -12.23
CA ASN A 213 15.13 0.41 -12.10
C ASN A 213 15.26 0.99 -13.50
N SER A 214 14.34 1.88 -13.86
CA SER A 214 14.33 2.43 -15.23
C SER A 214 15.68 3.03 -15.59
N HIS A 215 16.36 3.65 -14.64
CA HIS A 215 17.66 4.26 -14.90
C HIS A 215 18.70 3.16 -15.14
N SER A 216 19.10 3.01 -16.40
CA SER A 216 20.07 1.99 -16.78
C SER A 216 20.53 2.17 -18.22
N LEU A 228 22.65 -8.18 -21.37
CA LEU A 228 22.39 -8.04 -19.95
C LEU A 228 20.88 -7.94 -19.71
N VAL A 229 20.20 -7.15 -20.53
CA VAL A 229 18.74 -7.14 -20.51
C VAL A 229 18.22 -8.56 -20.68
N THR A 230 18.89 -9.36 -21.51
CA THR A 230 18.51 -10.75 -21.68
C THR A 230 18.76 -11.56 -20.42
N LYS A 231 19.78 -11.19 -19.63
CA LYS A 231 20.10 -11.93 -18.43
C LYS A 231 19.09 -11.65 -17.32
N MET A 232 18.61 -10.41 -17.22
CA MET A 232 17.63 -10.08 -16.19
C MET A 232 16.30 -10.78 -16.46
N PHE A 233 15.84 -10.76 -17.72
CA PHE A 233 14.56 -11.37 -18.05
C PHE A 233 14.62 -12.88 -18.10
N GLN A 234 15.82 -13.45 -18.18
CA GLN A 234 15.96 -14.89 -18.00
C GLN A 234 15.68 -15.27 -16.55
N LYS A 235 16.19 -14.48 -15.61
CA LYS A 235 15.91 -14.74 -14.20
C LYS A 235 14.42 -14.56 -13.89
N ILE A 236 13.80 -13.56 -14.51
CA ILE A 236 12.36 -13.36 -14.32
C ILE A 236 11.58 -14.54 -14.88
N GLN A 237 12.00 -15.07 -16.03
CA GLN A 237 11.29 -16.20 -16.61
C GLN A 237 11.40 -17.45 -15.73
N ASP A 238 12.54 -17.63 -15.05
CA ASP A 238 12.69 -18.77 -14.15
C ASP A 238 11.68 -18.71 -13.01
N LEU A 239 11.41 -17.50 -12.50
CA LEU A 239 10.40 -17.35 -11.47
C LEU A 239 9.00 -17.59 -12.01
N ILE A 240 8.74 -17.12 -13.23
CA ILE A 240 7.44 -17.35 -13.87
C ILE A 240 7.22 -18.83 -14.09
N ASP A 241 8.28 -19.58 -14.42
CA ASP A 241 8.14 -21.00 -14.72
C ASP A 241 7.46 -21.75 -13.58
N ASP A 242 7.58 -21.25 -12.35
CA ASP A 242 6.89 -21.86 -11.21
C ASP A 242 5.46 -21.33 -11.19
N LYS A 243 4.51 -22.16 -11.63
CA LYS A 243 3.13 -21.72 -11.75
C LYS A 243 2.39 -21.68 -10.42
N ASP A 244 3.03 -22.12 -9.34
CA ASP A 244 2.49 -21.87 -8.01
C ASP A 244 2.73 -20.44 -7.54
N ALA A 245 3.39 -19.62 -8.36
CA ALA A 245 3.75 -18.26 -7.97
C ALA A 245 3.02 -17.25 -8.86
N LEU A 246 2.54 -16.18 -8.24
CA LEU A 246 2.01 -15.02 -8.94
C LEU A 246 3.13 -13.99 -9.04
N VAL A 247 3.59 -13.73 -10.26
CA VAL A 247 4.79 -12.93 -10.49
C VAL A 247 4.37 -11.54 -10.93
N PHE A 248 4.84 -10.54 -10.20
CA PHE A 248 4.60 -9.13 -10.52
C PHE A 248 5.91 -8.52 -11.01
N VAL A 249 5.83 -7.82 -12.14
CA VAL A 249 6.97 -7.09 -12.69
C VAL A 249 6.62 -5.61 -12.64
N LEU A 250 7.41 -4.85 -11.90
CA LEU A 250 7.16 -3.43 -11.68
C LEU A 250 8.20 -2.61 -12.42
N ILE A 251 7.74 -1.77 -13.33
CA ILE A 251 8.61 -0.87 -14.09
C ILE A 251 8.25 0.55 -13.69
N ASP A 252 9.12 1.17 -12.89
CA ASP A 252 8.82 2.46 -12.28
C ASP A 252 9.14 3.59 -13.26
N ALA A 253 8.27 4.59 -13.28
CA ALA A 253 8.47 5.81 -14.06
C ALA A 253 8.86 5.47 -15.50
N VAL A 254 7.96 4.74 -16.16
CA VAL A 254 8.21 4.31 -17.53
C VAL A 254 8.41 5.49 -18.47
N GLU A 255 8.01 6.70 -18.08
CA GLU A 255 8.19 7.85 -18.96
C GLU A 255 9.65 8.15 -19.21
N SER A 256 10.56 7.69 -18.35
CA SER A 256 11.98 7.93 -18.58
C SER A 256 12.52 7.13 -19.75
N LEU A 257 11.83 6.05 -20.14
CA LEU A 257 12.27 5.25 -21.28
C LEU A 257 12.21 6.06 -22.57
N THR A 258 11.11 6.78 -22.78
CA THR A 258 10.96 7.58 -24.00
C THR A 258 11.79 8.84 -23.98
N ALA A 259 12.31 9.25 -22.82
CA ALA A 259 13.21 10.39 -22.73
C ALA A 259 14.66 10.00 -22.95
N ALA A 260 15.04 8.79 -22.59
CA ALA A 260 16.42 8.33 -22.75
C ALA A 260 16.80 8.27 -24.22
N ASP A 272 22.25 4.15 -29.13
CA ASP A 272 22.52 3.23 -28.05
C ASP A 272 21.29 3.05 -27.16
N ALA A 273 20.76 4.18 -26.68
CA ALA A 273 19.60 4.12 -25.79
C ALA A 273 18.38 3.57 -26.52
N ILE A 274 18.32 3.71 -27.84
CA ILE A 274 17.16 3.23 -28.58
C ILE A 274 17.11 1.71 -28.58
N ARG A 275 18.27 1.04 -28.62
CA ARG A 275 18.28 -0.41 -28.67
C ARG A 275 17.85 -1.02 -27.35
N VAL A 276 18.32 -0.46 -26.23
CA VAL A 276 17.98 -1.00 -24.92
C VAL A 276 16.46 -0.98 -24.71
N VAL A 277 15.81 0.12 -25.11
CA VAL A 277 14.37 0.24 -24.93
C VAL A 277 13.65 -0.88 -25.68
N ASN A 278 13.91 -1.00 -26.98
CA ASN A 278 13.24 -2.01 -27.78
C ASN A 278 13.49 -3.42 -27.23
N ALA A 279 14.68 -3.66 -26.68
CA ALA A 279 14.97 -4.97 -26.10
C ALA A 279 14.08 -5.25 -24.90
N VAL A 280 13.79 -4.24 -24.09
CA VAL A 280 12.97 -4.44 -22.90
C VAL A 280 11.51 -4.62 -23.28
N LEU A 281 11.01 -3.81 -24.22
CA LEU A 281 9.62 -3.93 -24.63
C LEU A 281 9.33 -5.32 -25.18
N THR A 282 10.25 -5.90 -25.94
CA THR A 282 10.02 -7.23 -26.49
C THR A 282 10.10 -8.29 -25.41
N GLN A 283 10.95 -8.09 -24.40
CA GLN A 283 10.99 -9.04 -23.28
C GLN A 283 9.70 -8.96 -22.47
N ILE A 284 9.16 -7.76 -22.29
CA ILE A 284 7.89 -7.60 -21.59
C ILE A 284 6.78 -8.32 -22.34
N ASP A 285 6.74 -8.16 -23.66
CA ASP A 285 5.72 -8.82 -24.46
C ASP A 285 5.74 -10.33 -24.26
N GLN A 286 6.93 -10.90 -24.02
CA GLN A 286 7.01 -12.35 -23.85
C GLN A 286 6.44 -12.77 -22.50
N ILE A 287 6.88 -12.15 -21.41
CA ILE A 287 6.47 -12.63 -20.10
C ILE A 287 4.98 -12.42 -19.86
N LYS A 288 4.40 -11.35 -20.42
CA LYS A 288 2.96 -11.11 -20.25
C LYS A 288 2.11 -12.14 -20.96
N ARG A 289 2.71 -13.04 -21.74
CA ARG A 289 1.96 -14.15 -22.32
C ARG A 289 1.59 -15.20 -21.28
N HIS A 290 2.17 -15.14 -20.08
CA HIS A 290 1.99 -16.17 -19.08
C HIS A 290 0.85 -15.83 -18.13
N SER A 291 0.13 -16.87 -17.71
CA SER A 291 -1.10 -16.67 -16.93
C SER A 291 -0.82 -16.13 -15.55
N ASN A 292 0.37 -16.39 -14.99
CA ASN A 292 0.69 -16.00 -13.62
C ASN A 292 1.53 -14.73 -13.57
N VAL A 293 1.42 -13.86 -14.57
CA VAL A 293 2.20 -12.63 -14.64
C VAL A 293 1.27 -11.44 -14.58
N VAL A 294 1.65 -10.43 -13.81
CA VAL A 294 0.99 -9.14 -13.80
C VAL A 294 2.05 -8.07 -13.90
N ILE A 295 1.84 -7.08 -14.77
CA ILE A 295 2.81 -6.03 -15.02
C ILE A 295 2.28 -4.74 -14.43
N LEU A 296 3.06 -4.14 -13.54
CA LEU A 296 2.72 -2.89 -12.88
C LEU A 296 3.67 -1.80 -13.38
N THR A 297 3.11 -0.67 -13.78
CA THR A 297 3.90 0.45 -14.26
C THR A 297 3.41 1.74 -13.60
N THR A 298 4.30 2.72 -13.55
CA THR A 298 3.97 4.04 -13.03
C THR A 298 4.51 5.10 -13.98
N SER A 299 3.81 6.23 -14.02
CA SER A 299 4.23 7.37 -14.83
C SER A 299 3.99 8.64 -14.04
N ASN A 300 5.03 9.46 -13.91
CA ASN A 300 4.90 10.72 -13.19
C ASN A 300 4.33 11.83 -14.05
N ILE A 301 4.12 11.59 -15.34
CA ILE A 301 3.44 12.53 -16.22
C ILE A 301 2.04 11.99 -16.45
N THR A 302 1.03 12.68 -15.90
CA THR A 302 -0.33 12.15 -15.88
C THR A 302 -1.01 12.21 -17.23
N GLU A 303 -0.53 13.06 -18.13
CA GLU A 303 -1.25 13.39 -19.35
C GLU A 303 -0.70 12.70 -20.58
N LYS A 304 0.61 12.63 -20.71
CA LYS A 304 1.21 12.32 -22.00
C LYS A 304 1.16 10.82 -22.31
N ILE A 305 1.04 10.52 -23.61
CA ILE A 305 1.11 9.17 -24.11
C ILE A 305 2.58 8.78 -24.31
N ASP A 306 2.85 7.47 -24.25
CA ASP A 306 4.23 6.98 -24.20
C ASP A 306 4.48 5.74 -25.05
N VAL A 307 4.52 4.56 -24.42
CA VAL A 307 4.97 3.33 -25.04
C VAL A 307 3.82 2.34 -25.06
N ALA A 308 3.84 1.44 -26.04
CA ALA A 308 2.67 0.65 -26.39
C ALA A 308 2.07 -0.07 -25.18
N PHE A 309 2.82 -1.01 -24.61
CA PHE A 309 2.24 -1.86 -23.56
C PHE A 309 1.73 -1.03 -22.40
N VAL A 310 2.27 0.18 -22.19
CA VAL A 310 1.77 1.05 -21.15
C VAL A 310 0.50 1.78 -21.61
N ASP A 311 0.55 2.38 -22.80
CA ASP A 311 -0.61 3.13 -23.29
C ASP A 311 -1.80 2.22 -23.55
N ARG A 312 -1.56 0.94 -23.84
CA ARG A 312 -2.62 -0.02 -24.06
C ARG A 312 -2.99 -0.79 -22.81
N ALA A 313 -2.48 -0.40 -21.65
CA ALA A 313 -2.87 -1.05 -20.40
C ALA A 313 -4.36 -0.93 -20.16
N ASP A 314 -5.02 -2.05 -19.91
CA ASP A 314 -6.46 -2.07 -19.73
C ASP A 314 -6.90 -1.64 -18.34
N ILE A 315 -5.97 -1.30 -17.46
CA ILE A 315 -6.26 -0.72 -16.14
C ILE A 315 -5.38 0.50 -15.99
N LYS A 316 -6.01 1.68 -16.00
CA LYS A 316 -5.31 2.94 -15.81
C LYS A 316 -5.96 3.68 -14.65
N GLN A 317 -5.16 4.15 -13.70
CA GLN A 317 -5.65 4.81 -12.50
C GLN A 317 -4.85 6.09 -12.26
N TYR A 318 -5.56 7.21 -12.16
CA TYR A 318 -4.93 8.46 -11.78
C TYR A 318 -4.77 8.52 -10.26
N ILE A 319 -3.58 8.89 -9.81
CA ILE A 319 -3.28 9.05 -8.39
C ILE A 319 -2.76 10.47 -8.20
N GLY A 320 -3.60 11.33 -7.62
CA GLY A 320 -3.24 12.71 -7.39
C GLY A 320 -2.89 12.97 -5.94
N PRO A 321 -2.49 14.20 -5.63
CA PRO A 321 -2.12 14.55 -4.25
C PRO A 321 -3.32 14.47 -3.33
N PRO A 322 -3.11 14.39 -2.03
CA PRO A 322 -4.23 14.17 -1.11
C PRO A 322 -5.05 15.42 -0.84
N SER A 323 -6.34 15.20 -0.60
CA SER A 323 -7.23 16.24 -0.15
C SER A 323 -6.95 16.59 1.31
N ALA A 324 -7.50 17.72 1.75
CA ALA A 324 -7.38 18.09 3.16
C ALA A 324 -7.94 17.00 4.07
N ALA A 325 -8.98 16.30 3.62
CA ALA A 325 -9.50 15.18 4.42
C ALA A 325 -8.49 14.06 4.51
N ALA A 326 -7.77 13.79 3.42
CA ALA A 326 -6.75 12.73 3.45
C ALA A 326 -5.54 13.16 4.25
N ILE A 327 -5.10 14.42 4.09
CA ILE A 327 -3.99 14.93 4.87
C ILE A 327 -4.26 14.76 6.36
N PHE A 328 -5.48 15.06 6.78
CA PHE A 328 -5.84 14.91 8.19
C PHE A 328 -5.61 13.48 8.67
N LYS A 329 -6.10 12.50 7.90
CA LYS A 329 -5.88 11.09 8.27
C LYS A 329 -4.39 10.76 8.28
N ILE A 330 -3.64 11.24 7.27
CA ILE A 330 -2.20 10.98 7.24
C ILE A 330 -1.54 11.49 8.51
N TYR A 331 -1.76 12.77 8.84
CA TYR A 331 -1.18 13.34 10.05
C TYR A 331 -1.62 12.56 11.29
N LEU A 332 -2.91 12.23 11.38
CA LEU A 332 -3.39 11.44 12.51
C LEU A 332 -2.56 10.16 12.68
N SER A 333 -2.23 9.51 11.56
CA SER A 333 -1.48 8.26 11.65
C SER A 333 -0.06 8.52 12.13
N CYS A 334 0.53 9.66 11.75
CA CYS A 334 1.86 10.02 12.23
C CYS A 334 1.81 10.34 13.72
N LEU A 335 0.80 11.07 14.17
CA LEU A 335 0.71 11.43 15.59
C LEU A 335 0.43 10.21 16.44
N GLU A 336 -0.45 9.33 15.98
CA GLU A 336 -0.67 8.07 16.69
C GLU A 336 0.64 7.32 16.87
N GLU A 337 1.42 7.19 15.79
CA GLU A 337 2.66 6.45 15.87
C GLU A 337 3.62 7.04 16.89
N LEU A 338 3.76 8.37 16.92
CA LEU A 338 4.63 9.00 17.90
C LEU A 338 4.11 8.80 19.31
N MET A 339 2.78 8.74 19.49
CA MET A 339 2.22 8.47 20.81
C MET A 339 2.46 7.02 21.21
N LYS A 340 2.33 6.10 20.25
CA LYS A 340 2.63 4.70 20.52
C LYS A 340 4.07 4.55 21.01
N CYS A 341 5.02 5.18 20.32
CA CYS A 341 6.43 5.13 20.69
C CYS A 341 6.76 6.03 21.87
N GLN A 342 5.80 6.80 22.37
CA GLN A 342 5.98 7.67 23.54
C GLN A 342 6.96 8.80 23.27
N ILE A 343 7.17 9.17 22.01
CA ILE A 343 7.87 10.42 21.71
C ILE A 343 6.93 11.60 21.97
N ILE A 344 5.65 11.45 21.65
CA ILE A 344 4.63 12.38 22.12
C ILE A 344 4.08 11.84 23.44
N TYR A 345 4.22 12.64 24.50
CA TYR A 345 3.85 12.19 25.83
C TYR A 345 3.34 13.39 26.62
N PRO A 346 2.22 13.27 27.35
CA PRO A 346 1.40 12.07 27.48
C PRO A 346 0.48 11.85 26.30
N ARG A 347 -0.11 10.66 26.21
CA ARG A 347 -1.08 10.39 25.17
C ARG A 347 -2.33 11.23 25.37
N GLN A 348 -2.91 11.69 24.27
CA GLN A 348 -4.17 12.43 24.29
C GLN A 348 -5.09 11.88 23.22
N GLN A 349 -6.39 12.07 23.43
CA GLN A 349 -7.39 11.61 22.47
C GLN A 349 -7.54 12.66 21.37
N LEU A 350 -7.56 12.19 20.13
CA LEU A 350 -7.76 13.05 18.98
C LEU A 350 -9.00 12.63 18.22
N LEU A 351 -9.72 13.61 17.69
CA LEU A 351 -10.99 13.38 17.01
C LEU A 351 -10.79 13.26 15.50
N THR A 352 -11.63 12.44 14.89
CA THR A 352 -11.69 12.36 13.43
C THR A 352 -12.52 13.53 12.90
N LEU A 353 -12.48 13.71 11.57
CA LEU A 353 -13.32 14.73 10.94
C LEU A 353 -14.80 14.48 11.24
N ARG A 354 -15.25 13.24 11.06
CA ARG A 354 -16.65 12.93 11.34
C ARG A 354 -17.02 13.34 12.75
N GLU A 355 -16.17 13.00 13.72
CA GLU A 355 -16.43 13.39 15.10
C GLU A 355 -16.49 14.91 15.23
N LEU A 356 -15.55 15.61 14.59
CA LEU A 356 -15.60 17.07 14.59
C LEU A 356 -16.88 17.59 13.94
N GLU A 357 -17.30 16.99 12.83
CA GLU A 357 -18.52 17.42 12.16
C GLU A 357 -19.74 17.22 13.04
N MET A 358 -19.75 16.17 13.87
CA MET A 358 -20.91 15.91 14.72
C MET A 358 -21.07 16.97 15.79
N ILE A 359 -19.98 17.58 16.23
CA ILE A 359 -20.03 18.64 17.23
C ILE A 359 -19.97 20.03 16.60
N GLY A 360 -20.25 20.13 15.29
CA GLY A 360 -20.26 21.40 14.61
C GLY A 360 -18.98 22.18 14.75
N PHE A 361 -17.86 21.48 14.93
CA PHE A 361 -16.55 22.11 15.06
C PHE A 361 -16.49 23.09 16.23
N ILE A 362 -17.24 22.81 17.30
CA ILE A 362 -17.14 23.62 18.50
C ILE A 362 -15.76 23.45 19.12
N GLU A 363 -15.19 24.55 19.62
CA GLU A 363 -13.88 24.51 20.25
C GLU A 363 -14.06 24.32 21.75
N ASN A 364 -13.59 23.18 22.26
CA ASN A 364 -13.63 22.89 23.69
C ASN A 364 -12.42 22.04 24.03
N ASN A 365 -12.33 21.64 25.30
CA ASN A 365 -11.17 20.87 25.75
C ASN A 365 -10.99 19.59 24.96
N VAL A 366 -12.10 18.95 24.55
CA VAL A 366 -12.00 17.69 23.84
C VAL A 366 -11.53 17.91 22.40
N SER A 367 -11.95 19.02 21.79
CA SER A 367 -11.75 19.21 20.36
C SER A 367 -10.61 20.17 20.01
N LYS A 368 -10.20 21.04 20.95
CA LYS A 368 -9.26 22.11 20.64
C LYS A 368 -8.09 21.63 19.77
N LEU A 369 -7.42 20.56 20.20
CA LEU A 369 -6.22 20.11 19.48
C LEU A 369 -6.56 19.46 18.15
N SER A 370 -7.69 18.77 18.06
CA SER A 370 -8.10 18.18 16.78
C SER A 370 -8.46 19.28 15.78
N LEU A 371 -9.11 20.34 16.24
CA LEU A 371 -9.38 21.49 15.37
C LEU A 371 -8.08 22.10 14.87
N LEU A 372 -7.10 22.24 15.76
CA LEU A 372 -5.80 22.78 15.36
C LEU A 372 -5.16 21.91 14.29
N LEU A 373 -5.21 20.59 14.47
CA LEU A 373 -4.69 19.68 13.46
C LEU A 373 -5.46 19.81 12.16
N ASN A 374 -6.79 19.97 12.24
CA ASN A 374 -7.59 20.14 11.05
C ASN A 374 -7.14 21.36 10.26
N ASP A 375 -6.80 22.46 10.96
CA ASP A 375 -6.38 23.67 10.28
C ASP A 375 -4.97 23.55 9.73
N ILE A 376 -4.10 22.76 10.37
CA ILE A 376 -2.79 22.48 9.81
C ILE A 376 -2.94 21.66 8.53
N SER A 377 -3.87 20.70 8.53
CA SER A 377 -4.09 19.90 7.33
C SER A 377 -4.54 20.75 6.17
N ARG A 378 -5.31 21.80 6.43
CA ARG A 378 -5.88 22.60 5.35
C ARG A 378 -4.84 23.52 4.73
N LYS A 379 -3.93 24.08 5.53
CA LYS A 379 -2.84 24.83 4.94
C LYS A 379 -1.72 23.93 4.42
N SER A 380 -1.84 22.62 4.61
CA SER A 380 -0.96 21.67 3.97
C SER A 380 -1.43 21.27 2.57
N GLU A 381 -2.63 21.67 2.17
CA GLU A 381 -3.17 21.28 0.87
C GLU A 381 -2.23 21.73 -0.25
N GLY A 382 -1.96 20.82 -1.19
CA GLY A 382 -1.01 21.02 -2.25
C GLY A 382 0.24 20.17 -2.11
N LEU A 383 0.60 19.81 -0.89
CA LEU A 383 1.78 19.00 -0.66
C LEU A 383 1.48 17.55 -1.01
N SER A 384 2.52 16.83 -1.44
CA SER A 384 2.40 15.42 -1.76
C SER A 384 2.48 14.58 -0.49
N GLY A 385 2.01 13.34 -0.60
CA GLY A 385 2.10 12.42 0.53
C GLY A 385 3.53 12.21 0.98
N ARG A 386 4.47 12.16 0.04
CA ARG A 386 5.88 12.03 0.38
C ARG A 386 6.32 13.13 1.34
N VAL A 387 5.96 14.37 1.03
CA VAL A 387 6.33 15.49 1.90
C VAL A 387 5.58 15.42 3.22
N LEU A 388 4.33 14.97 3.19
CA LEU A 388 3.53 14.97 4.40
C LEU A 388 4.10 14.01 5.44
N ARG A 389 4.50 12.80 5.03
CA ARG A 389 5.05 11.86 6.00
C ARG A 389 6.49 12.17 6.39
N LYS A 390 7.12 13.12 5.71
CA LYS A 390 8.44 13.59 6.10
C LYS A 390 8.39 14.77 7.05
N LEU A 391 7.29 15.54 7.04
CA LEU A 391 7.20 16.74 7.87
C LEU A 391 7.28 16.45 9.36
N PRO A 392 6.70 15.37 9.90
CA PRO A 392 6.86 15.11 11.34
C PRO A 392 8.31 14.90 11.74
N PHE A 393 9.13 14.35 10.83
CA PHE A 393 10.55 14.22 11.10
C PHE A 393 11.22 15.59 11.17
N LEU A 394 10.95 16.45 10.19
CA LEU A 394 11.50 17.79 10.20
C LEU A 394 10.98 18.59 11.39
N ALA A 395 9.68 18.50 11.65
CA ALA A 395 9.11 19.18 12.81
C ALA A 395 9.89 18.83 14.08
N HIS A 396 10.14 17.54 14.29
CA HIS A 396 10.84 17.13 15.50
C HIS A 396 12.29 17.59 15.48
N ALA A 397 12.97 17.45 14.34
CA ALA A 397 14.39 17.76 14.30
C ALA A 397 14.65 19.27 14.40
N LEU A 398 13.73 20.10 13.92
CA LEU A 398 13.97 21.53 13.88
C LEU A 398 13.40 22.26 15.10
N TYR A 399 12.25 21.82 15.62
CA TYR A 399 11.52 22.62 16.59
C TYR A 399 11.22 21.89 17.90
N VAL A 400 11.71 20.66 18.08
CA VAL A 400 11.49 19.93 19.32
C VAL A 400 12.83 19.53 19.91
N GLN A 401 13.60 18.74 19.15
CA GLN A 401 14.99 18.44 19.52
C GLN A 401 15.06 17.90 20.95
N ALA A 402 14.11 17.03 21.29
CA ALA A 402 14.02 16.47 22.62
C ALA A 402 13.38 15.08 22.51
N PRO A 403 13.69 14.18 23.45
CA PRO A 403 13.11 12.82 23.35
C PRO A 403 11.62 12.76 23.62
N THR A 404 11.02 13.83 24.14
CA THR A 404 9.62 13.81 24.52
C THR A 404 9.05 15.21 24.33
N VAL A 405 7.76 15.26 23.98
CA VAL A 405 7.07 16.51 23.75
C VAL A 405 5.58 16.25 23.87
N THR A 406 4.86 17.22 24.43
CA THR A 406 3.40 17.14 24.48
C THR A 406 2.84 17.28 23.07
N ILE A 407 1.62 16.77 22.88
CA ILE A 407 0.97 16.90 21.58
C ILE A 407 0.81 18.38 21.22
N GLU A 408 0.55 19.22 22.22
CA GLU A 408 0.49 20.66 21.95
C GLU A 408 1.79 21.16 21.37
N GLY A 409 2.92 20.75 21.96
CA GLY A 409 4.21 21.19 21.45
C GLY A 409 4.49 20.67 20.06
N PHE A 410 4.06 19.44 19.76
CA PHE A 410 4.35 18.86 18.46
C PHE A 410 3.52 19.52 17.36
N LEU A 411 2.23 19.71 17.61
CA LEU A 411 1.37 20.36 16.62
C LEU A 411 1.88 21.76 16.28
N GLN A 412 2.38 22.49 17.27
CA GLN A 412 3.00 23.78 16.99
C GLN A 412 4.23 23.61 16.11
N ALA A 413 5.06 22.61 16.43
CA ALA A 413 6.25 22.34 15.61
C ALA A 413 5.85 21.94 14.21
N LEU A 414 4.83 21.08 14.07
CA LEU A 414 4.37 20.68 12.76
C LEU A 414 3.88 21.87 11.96
N SER A 415 3.22 22.83 12.63
CA SER A 415 2.72 24.01 11.95
C SER A 415 3.85 24.86 11.40
N LEU A 416 4.92 25.03 12.18
CA LEU A 416 6.08 25.75 11.69
C LEU A 416 6.73 25.04 10.51
N ALA A 417 6.88 23.71 10.61
CA ALA A 417 7.47 22.94 9.53
C ALA A 417 6.68 23.12 8.24
N VAL A 418 5.34 23.16 8.34
CA VAL A 418 4.52 23.36 7.15
C VAL A 418 4.77 24.73 6.54
N ASP A 419 4.75 25.77 7.37
CA ASP A 419 5.06 27.11 6.86
C ASP A 419 6.42 27.13 6.18
N LYS A 420 7.40 26.43 6.76
CA LYS A 420 8.74 26.42 6.17
C LYS A 420 8.72 25.76 4.79
N GLN A 421 7.93 24.68 4.63
CA GLN A 421 7.81 24.04 3.33
C GLN A 421 7.37 25.03 2.26
N PHE A 422 6.37 25.85 2.56
CA PHE A 422 5.83 26.77 1.57
C PHE A 422 6.75 27.96 1.34
N GLU A 423 7.53 28.36 2.34
CA GLU A 423 8.58 29.35 2.11
C GLU A 423 9.62 28.81 1.13
N GLU A 424 10.04 27.56 1.32
CA GLU A 424 10.95 26.94 0.37
C GLU A 424 10.32 26.86 -1.02
N ARG A 425 9.00 26.64 -1.08
CA ARG A 425 8.33 26.58 -2.37
C ARG A 425 8.44 27.91 -3.11
N LYS A 426 8.09 29.00 -2.44
CA LYS A 426 8.09 30.30 -3.10
C LYS A 426 9.48 30.71 -3.56
N LYS A 427 10.52 30.22 -2.89
CA LYS A 427 11.88 30.49 -3.34
C LYS A 427 12.18 29.77 -4.66
N LEU A 428 11.61 28.59 -4.85
CA LEU A 428 11.69 27.91 -6.14
C LEU A 428 10.89 28.62 -7.22
N ALA A 429 10.04 29.57 -6.85
CA ALA A 429 9.25 30.33 -7.81
C ALA A 429 9.82 31.74 -7.97
PB ADP B . 5.54 7.96 -6.35
O1B ADP B . 4.09 8.23 -6.68
O2B ADP B . 6.00 6.54 -6.67
O3B ADP B . 6.50 9.04 -6.81
PA ADP B . 6.24 6.98 -3.73
O1A ADP B . 5.43 5.72 -3.70
O2A ADP B . 7.71 6.92 -4.00
O3A ADP B . 5.58 8.08 -4.73
O5' ADP B . 6.00 7.76 -2.35
C5' ADP B . 6.97 7.66 -1.30
C4' ADP B . 6.29 7.70 0.06
O4' ADP B . 5.44 8.85 0.23
C3' ADP B . 5.38 6.52 0.28
O3' ADP B . 6.08 5.32 0.66
C2' ADP B . 4.48 7.02 1.38
O2' ADP B . 5.05 6.77 2.68
C1' ADP B . 4.38 8.52 1.13
N9 ADP B . 3.07 8.77 0.50
C8 ADP B . 2.86 9.08 -0.80
N7 ADP B . 1.53 9.22 -1.06
C5 ADP B . 0.88 8.98 0.10
C6 ADP B . -0.52 8.95 0.53
N6 ADP B . -1.50 9.23 -0.35
N1 ADP B . -0.79 8.66 1.83
C2 ADP B . 0.19 8.40 2.71
N3 ADP B . 1.50 8.41 2.38
C4 ADP B . 1.89 8.68 1.12
H5'1 ADP B . 7.53 6.74 -1.41
H5'2 ADP B . 7.67 8.49 -1.39
H4' ADP B . 7.07 7.70 0.83
H3' ADP B . 4.78 6.34 -0.62
HO3' ADP B . 5.45 4.61 0.79
H2' ADP B . 3.47 6.56 1.30
HO2' ADP B . 5.17 5.82 2.80
H1' ADP B . 4.48 9.08 2.08
H8 ADP B . 3.65 9.21 -1.54
HN61 ADP B . -2.47 9.21 -0.06
HN62 ADP B . -1.28 9.44 -1.31
H2 ADP B . -0.08 8.17 3.73
#